data_1E2Q
#
_entry.id   1E2Q
#
_cell.length_a   101.310
_cell.length_b   101.100
_cell.length_c   49.300
_cell.angle_alpha   90.00
_cell.angle_beta   90.00
_cell.angle_gamma   90.00
#
_symmetry.space_group_name_H-M   'P 43 21 2'
#
loop_
_entity.id
_entity.type
_entity.pdbx_description
1 polymer 'THYMIDYLATE KINASE'
2 non-polymer "THYMIDINE-5'-PHOSPHATE"
3 non-polymer "ADENOSINE-5'-TRIPHOSPHATE"
4 non-polymer 'MAGNESIUM ION'
5 water water
#
_entity_poly.entity_id   1
_entity_poly.type   'polypeptide(L)'
_entity_poly.pdbx_seq_one_letter_code
;GSHMAARRGALIVLEGVDRAGKSTQSRKLVEALCAAGHRAELLRFPERSTEIGKLLSSYLQKKSDVEDHSVHLLFSANRW
EQVPLIKEKLSQGVTLVVDRYAFSGVAFTGAKENFSLDWCKQPDVGLPKPDLVLFLQLQLADAAKRGAFGHERYENGAFQ
ERALRCFHQLMKDTTLNWKMVDASKSIEAVHEDIRVLSEDAIATATEKPLGELWK
;
_entity_poly.pdbx_strand_id   A
#
# COMPACT_ATOMS: atom_id res chain seq x y z
N ARG A 7 12.58 21.24 -3.02
CA ARG A 7 11.14 20.89 -2.85
C ARG A 7 10.99 19.37 -2.93
N ARG A 8 10.69 18.76 -1.79
CA ARG A 8 10.66 17.28 -1.83
C ARG A 8 9.42 16.75 -2.57
N GLY A 9 9.57 15.48 -2.98
CA GLY A 9 8.42 14.82 -3.64
C GLY A 9 7.46 14.33 -2.54
N ALA A 10 6.23 13.99 -2.93
CA ALA A 10 5.29 13.40 -2.00
C ALA A 10 5.40 11.85 -1.98
N LEU A 11 4.98 11.30 -0.83
CA LEU A 11 4.95 9.83 -0.70
C LEU A 11 3.49 9.45 -0.70
N ILE A 12 2.99 8.88 -1.78
CA ILE A 12 1.58 8.53 -1.94
C ILE A 12 1.43 7.02 -1.95
N VAL A 13 0.59 6.54 -1.02
CA VAL A 13 0.34 5.11 -0.97
C VAL A 13 -1.06 4.74 -1.42
N LEU A 14 -1.18 3.65 -2.20
CA LEU A 14 -2.50 3.11 -2.53
C LEU A 14 -2.70 1.79 -1.77
N GLU A 15 -3.83 1.73 -1.07
CA GLU A 15 -4.16 0.52 -0.30
C GLU A 15 -5.57 0.07 -0.68
N GLY A 16 -5.92 -1.15 -0.27
CA GLY A 16 -7.20 -1.73 -0.59
C GLY A 16 -7.02 -3.26 -0.52
N VAL A 17 -8.14 -3.95 -0.50
CA VAL A 17 -8.08 -5.42 -0.49
C VAL A 17 -7.60 -5.92 -1.83
N ASP A 18 -7.42 -7.25 -1.94
CA ASP A 18 -7.06 -7.80 -3.26
C ASP A 18 -8.15 -7.46 -4.27
N ARG A 19 -7.77 -7.09 -5.49
CA ARG A 19 -8.58 -6.73 -6.63
C ARG A 19 -9.30 -5.41 -6.64
N ALA A 20 -8.91 -4.51 -5.75
CA ALA A 20 -9.52 -3.20 -5.64
C ALA A 20 -9.11 -2.25 -6.77
N GLY A 21 -8.07 -2.61 -7.50
CA GLY A 21 -7.56 -1.75 -8.57
C GLY A 21 -6.27 -1.02 -8.18
N LYS A 22 -5.59 -1.39 -7.09
CA LYS A 22 -4.39 -0.72 -6.66
C LYS A 22 -3.28 -0.65 -7.70
N SER A 23 -2.96 -1.76 -8.36
CA SER A 23 -1.88 -1.79 -9.32
C SER A 23 -2.25 -1.00 -10.58
N THR A 24 -3.50 -1.15 -11.02
CA THR A 24 -3.93 -0.43 -12.22
C THR A 24 -3.88 1.07 -11.96
N GLN A 25 -4.39 1.47 -10.78
CA GLN A 25 -4.41 2.91 -10.49
C GLN A 25 -3.02 3.44 -10.18
N SER A 26 -2.12 2.63 -9.58
CA SER A 26 -0.77 3.15 -9.32
C SER A 26 -0.04 3.38 -10.64
N ARG A 27 -0.17 2.44 -11.59
CA ARG A 27 0.47 2.64 -12.90
C ARG A 27 -0.08 3.88 -13.64
N LYS A 28 -1.40 4.00 -13.64
CA LYS A 28 -2.02 5.16 -14.32
C LYS A 28 -1.66 6.46 -13.62
N LEU A 29 -1.56 6.42 -12.29
CA LEU A 29 -1.23 7.69 -11.62
C LEU A 29 0.18 8.16 -12.01
N VAL A 30 1.18 7.27 -11.95
CA VAL A 30 2.53 7.71 -12.32
C VAL A 30 2.54 8.24 -13.75
N GLU A 31 1.82 7.52 -14.63
CA GLU A 31 1.79 7.96 -16.03
C GLU A 31 1.23 9.38 -16.17
N ALA A 32 0.10 9.60 -15.49
CA ALA A 32 -0.54 10.93 -15.59
C ALA A 32 0.30 12.01 -14.96
N LEU A 33 0.91 11.72 -13.84
CA LEU A 33 1.73 12.77 -13.19
C LEU A 33 2.92 13.15 -14.06
N CYS A 34 3.58 12.14 -14.64
CA CYS A 34 4.74 12.40 -15.51
C CYS A 34 4.32 13.18 -16.75
N ALA A 35 3.11 12.88 -17.25
CA ALA A 35 2.66 13.58 -18.45
C ALA A 35 2.34 15.03 -18.10
N ALA A 36 2.03 15.34 -16.85
CA ALA A 36 1.75 16.69 -16.38
C ALA A 36 3.00 17.36 -15.83
N GLY A 37 4.18 16.86 -16.17
CA GLY A 37 5.45 17.51 -15.81
C GLY A 37 6.03 17.13 -14.45
N HIS A 38 5.33 16.29 -13.68
CA HIS A 38 5.94 15.93 -12.40
C HIS A 38 6.99 14.86 -12.61
N ARG A 39 7.97 14.82 -11.69
CA ARG A 39 8.89 13.69 -11.64
C ARG A 39 8.23 12.69 -10.66
N ALA A 40 7.76 11.57 -11.14
CA ALA A 40 7.09 10.60 -10.26
C ALA A 40 7.53 9.21 -10.68
N GLU A 41 7.66 8.29 -9.71
CA GLU A 41 8.05 6.94 -9.98
C GLU A 41 7.19 5.96 -9.15
N LEU A 42 7.05 4.76 -9.71
CA LEU A 42 6.23 3.73 -9.05
C LEU A 42 7.05 2.77 -8.20
N LEU A 43 6.59 2.43 -7.01
CA LEU A 43 7.19 1.41 -6.14
C LEU A 43 6.06 0.46 -5.75
N ARG A 44 6.42 -0.78 -5.35
CA ARG A 44 5.36 -1.66 -4.89
C ARG A 44 5.88 -2.58 -3.76
N PHE A 45 4.96 -2.95 -2.89
CA PHE A 45 5.34 -3.95 -1.87
C PHE A 45 4.35 -5.09 -1.96
N PRO A 46 4.83 -6.35 -1.77
CA PRO A 46 6.25 -6.60 -1.63
C PRO A 46 7.05 -6.33 -2.89
N GLU A 47 8.31 -6.00 -2.72
CA GLU A 47 9.24 -5.76 -3.83
C GLU A 47 9.91 -7.14 -3.98
N ARG A 48 9.39 -7.89 -4.93
CA ARG A 48 9.82 -9.29 -5.04
C ARG A 48 11.17 -9.50 -5.65
N SER A 49 11.91 -8.47 -6.04
CA SER A 49 13.19 -8.66 -6.69
C SER A 49 14.35 -8.92 -5.75
N THR A 50 14.23 -8.52 -4.49
CA THR A 50 15.32 -8.73 -3.53
C THR A 50 15.30 -10.14 -2.99
N GLU A 51 16.34 -10.53 -2.24
CA GLU A 51 16.43 -11.84 -1.61
C GLU A 51 15.21 -12.10 -0.73
N ILE A 52 14.87 -11.09 0.08
CA ILE A 52 13.69 -11.18 0.93
C ILE A 52 12.44 -11.27 0.07
N GLY A 53 12.37 -10.39 -0.94
CA GLY A 53 11.21 -10.42 -1.84
C GLY A 53 11.05 -11.79 -2.47
N LYS A 54 12.11 -12.51 -2.79
CA LYS A 54 11.93 -13.84 -3.41
C LYS A 54 11.32 -14.85 -2.44
N LEU A 55 11.70 -14.75 -1.16
CA LEU A 55 11.13 -15.66 -0.16
C LEU A 55 9.65 -15.36 -0.03
N LEU A 56 9.32 -14.06 -0.05
CA LEU A 56 7.93 -13.62 0.03
C LEU A 56 7.09 -14.12 -1.15
N SER A 57 7.68 -14.05 -2.35
CA SER A 57 6.96 -14.49 -3.54
C SER A 57 6.71 -16.00 -3.50
N SER A 58 7.71 -16.77 -3.09
CA SER A 58 7.52 -18.23 -3.00
C SER A 58 6.42 -18.51 -2.01
N TYR A 59 6.39 -17.79 -0.87
CA TYR A 59 5.36 -17.97 0.13
C TYR A 59 3.96 -17.67 -0.42
N LEU A 60 3.81 -16.51 -1.05
CA LEU A 60 2.51 -16.12 -1.59
C LEU A 60 1.99 -17.09 -2.65
N GLN A 61 2.89 -17.73 -3.37
CA GLN A 61 2.54 -18.69 -4.41
C GLN A 61 2.33 -20.10 -3.89
N LYS A 62 2.49 -20.28 -2.59
CA LYS A 62 2.33 -21.56 -1.92
C LYS A 62 3.41 -22.54 -2.32
N LYS A 63 4.52 -22.03 -2.83
CA LYS A 63 5.64 -22.90 -3.20
C LYS A 63 6.43 -23.18 -1.93
N SER A 64 6.20 -22.33 -0.91
CA SER A 64 6.87 -22.52 0.36
C SER A 64 5.94 -22.12 1.49
N ASP A 65 6.22 -22.68 2.65
CA ASP A 65 5.46 -22.39 3.86
C ASP A 65 6.41 -21.64 4.81
N VAL A 66 5.87 -20.65 5.49
CA VAL A 66 6.69 -19.84 6.38
C VAL A 66 5.87 -19.57 7.63
N GLU A 67 6.52 -19.65 8.78
CA GLU A 67 5.88 -19.39 10.06
C GLU A 67 5.28 -17.98 10.05
N ASP A 68 4.06 -17.83 10.57
CA ASP A 68 3.36 -16.54 10.42
C ASP A 68 4.07 -15.31 10.93
N HIS A 69 4.74 -15.40 12.07
CA HIS A 69 5.43 -14.23 12.61
C HIS A 69 6.63 -13.93 11.73
N SER A 70 7.37 -14.98 11.32
CA SER A 70 8.52 -14.79 10.46
C SER A 70 8.12 -14.08 9.15
N VAL A 71 7.04 -14.56 8.54
CA VAL A 71 6.68 -13.92 7.24
C VAL A 71 6.29 -12.45 7.48
N HIS A 72 5.55 -12.18 8.55
CA HIS A 72 5.21 -10.77 8.87
C HIS A 72 6.46 -9.90 8.96
N LEU A 73 7.51 -10.41 9.64
CA LEU A 73 8.75 -9.65 9.77
C LEU A 73 9.51 -9.53 8.47
N LEU A 74 9.44 -10.54 7.59
CA LEU A 74 10.08 -10.43 6.28
C LEU A 74 9.36 -9.36 5.42
N PHE A 75 8.04 -9.31 5.49
CA PHE A 75 7.33 -8.24 4.72
C PHE A 75 7.79 -6.86 5.16
N SER A 76 7.95 -6.66 6.47
CA SER A 76 8.39 -5.36 6.98
C SER A 76 9.85 -5.10 6.63
N ALA A 77 10.71 -6.14 6.71
CA ALA A 77 12.10 -5.95 6.36
C ALA A 77 12.23 -5.56 4.89
N ASN A 78 11.32 -6.08 4.08
CA ASN A 78 11.30 -5.75 2.64
C ASN A 78 10.97 -4.26 2.42
N ARG A 79 10.20 -3.66 3.32
CA ARG A 79 9.99 -2.20 3.21
C ARG A 79 11.23 -1.49 3.68
N TRP A 80 11.79 -1.82 4.88
CA TRP A 80 12.98 -1.14 5.37
C TRP A 80 14.17 -1.14 4.40
N GLU A 81 14.36 -2.23 3.66
CA GLU A 81 15.48 -2.31 2.72
C GLU A 81 15.33 -1.25 1.62
N GLN A 82 14.12 -0.74 1.41
CA GLN A 82 13.92 0.30 0.38
C GLN A 82 13.93 1.68 0.98
N VAL A 83 14.08 1.82 2.30
CA VAL A 83 14.00 3.18 2.91
C VAL A 83 15.07 4.12 2.46
N PRO A 84 16.34 3.76 2.37
CA PRO A 84 17.35 4.70 1.86
C PRO A 84 16.98 5.20 0.45
N LEU A 85 16.49 4.37 -0.43
CA LEU A 85 16.05 4.75 -1.77
C LEU A 85 14.85 5.70 -1.72
N ILE A 86 13.86 5.38 -0.91
CA ILE A 86 12.69 6.23 -0.76
C ILE A 86 13.07 7.62 -0.29
N LYS A 87 13.96 7.71 0.72
CA LYS A 87 14.35 9.02 1.24
C LYS A 87 15.17 9.78 0.21
N GLU A 88 16.02 9.05 -0.51
CA GLU A 88 16.83 9.74 -1.53
C GLU A 88 15.91 10.32 -2.60
N LYS A 89 15.04 9.46 -3.16
CA LYS A 89 14.15 10.00 -4.20
C LYS A 89 13.30 11.18 -3.75
N LEU A 90 12.64 11.06 -2.60
CA LEU A 90 11.79 12.16 -2.14
C LEU A 90 12.66 13.42 -1.97
N SER A 91 13.88 13.25 -1.49
CA SER A 91 14.71 14.44 -1.23
C SER A 91 15.08 15.13 -2.53
N GLN A 92 15.10 14.37 -3.62
CA GLN A 92 15.47 14.89 -4.93
C GLN A 92 14.27 15.53 -5.64
N GLY A 93 13.12 15.47 -5.02
CA GLY A 93 11.91 16.05 -5.61
C GLY A 93 11.03 15.06 -6.37
N VAL A 94 11.36 13.78 -6.25
CA VAL A 94 10.61 12.76 -6.98
C VAL A 94 9.45 12.27 -6.15
N THR A 95 8.23 12.39 -6.63
CA THR A 95 7.06 11.88 -5.91
C THR A 95 6.99 10.37 -6.12
N LEU A 96 6.72 9.62 -5.04
CA LEU A 96 6.72 8.17 -5.18
C LEU A 96 5.26 7.69 -4.96
N VAL A 97 4.82 6.89 -5.91
CA VAL A 97 3.51 6.25 -5.86
C VAL A 97 3.71 4.79 -5.49
N VAL A 98 3.22 4.41 -4.33
CA VAL A 98 3.48 3.06 -3.76
C VAL A 98 2.25 2.21 -3.74
N ASP A 99 2.34 1.03 -4.37
CA ASP A 99 1.28 0.05 -4.46
C ASP A 99 1.41 -0.94 -3.31
N ARG A 100 0.68 -0.70 -2.26
CA ARG A 100 0.66 -1.37 -0.97
C ARG A 100 1.86 -0.92 -0.12
N TYR A 101 1.63 -0.83 1.21
CA TYR A 101 2.72 -0.43 2.10
C TYR A 101 2.50 -1.11 3.45
N ALA A 102 2.83 -0.42 4.55
CA ALA A 102 2.73 -1.09 5.85
C ALA A 102 1.32 -1.49 6.23
N PHE A 103 0.32 -0.78 5.70
CA PHE A 103 -1.08 -1.02 6.08
C PHE A 103 -1.48 -2.41 5.64
N SER A 104 -1.13 -2.80 4.41
CA SER A 104 -1.41 -4.16 3.93
C SER A 104 -0.70 -5.14 4.89
N GLY A 105 0.51 -4.79 5.26
CA GLY A 105 1.30 -5.71 6.16
C GLY A 105 0.48 -6.02 7.41
N VAL A 106 0.04 -4.97 8.08
CA VAL A 106 -0.72 -5.13 9.31
C VAL A 106 -2.07 -5.79 9.05
N ALA A 107 -2.80 -5.35 8.00
CA ALA A 107 -4.12 -5.94 7.79
C ALA A 107 -4.13 -7.41 7.44
N PHE A 108 -3.18 -7.91 6.66
CA PHE A 108 -3.13 -9.30 6.29
C PHE A 108 -2.66 -10.17 7.46
N THR A 109 -1.60 -9.78 8.16
CA THR A 109 -1.22 -10.61 9.32
C THR A 109 -2.24 -10.48 10.43
N GLY A 110 -2.80 -9.26 10.59
CA GLY A 110 -3.76 -9.03 11.67
C GLY A 110 -5.06 -9.81 11.43
N ALA A 111 -5.23 -10.32 10.22
CA ALA A 111 -6.43 -11.11 9.92
C ALA A 111 -6.27 -12.56 10.42
N LYS A 112 -5.09 -12.92 10.84
CA LYS A 112 -4.83 -14.29 11.31
C LYS A 112 -5.17 -14.37 12.78
N GLU A 113 -5.42 -15.62 13.27
CA GLU A 113 -5.77 -15.74 14.68
C GLU A 113 -4.58 -15.41 15.58
N ASN A 114 -4.88 -14.79 16.72
CA ASN A 114 -3.86 -14.50 17.72
C ASN A 114 -2.75 -13.58 17.23
N PHE A 115 -3.11 -12.58 16.41
CA PHE A 115 -2.17 -11.53 16.04
C PHE A 115 -2.81 -10.18 16.39
N SER A 116 -2.25 -9.49 17.37
CA SER A 116 -2.84 -8.20 17.78
C SER A 116 -2.41 -7.12 16.78
N LEU A 117 -3.30 -6.14 16.60
CA LEU A 117 -2.89 -5.04 15.70
C LEU A 117 -1.60 -4.40 16.21
N ASP A 118 -1.47 -4.22 17.52
CA ASP A 118 -0.27 -3.61 18.09
C ASP A 118 0.99 -4.38 17.70
N TRP A 119 1.03 -5.69 17.89
CA TRP A 119 2.24 -6.46 17.54
C TRP A 119 2.51 -6.31 16.04
N CYS A 120 1.44 -6.36 15.23
CA CYS A 120 1.64 -6.24 13.79
C CYS A 120 2.19 -4.89 13.35
N LYS A 121 1.80 -3.82 14.05
CA LYS A 121 2.34 -2.50 13.65
C LYS A 121 3.80 -2.26 13.97
N GLN A 122 4.34 -2.85 15.06
CA GLN A 122 5.64 -2.45 15.57
C GLN A 122 6.78 -2.46 14.58
N PRO A 123 6.98 -3.50 13.80
CA PRO A 123 8.11 -3.57 12.90
C PRO A 123 8.15 -2.40 11.92
N ASP A 124 6.98 -1.92 11.52
CA ASP A 124 6.93 -0.79 10.57
C ASP A 124 6.94 0.57 11.26
N VAL A 125 6.98 0.58 12.59
CA VAL A 125 7.06 1.91 13.24
C VAL A 125 8.33 2.60 12.83
N GLY A 126 8.22 3.89 12.44
CA GLY A 126 9.37 4.63 11.99
C GLY A 126 9.63 4.64 10.48
N LEU A 127 8.87 3.90 9.69
CA LEU A 127 9.09 3.99 8.22
C LEU A 127 8.71 5.40 7.75
N PRO A 128 9.19 5.77 6.57
CA PRO A 128 8.74 7.04 5.97
C PRO A 128 7.22 7.09 6.03
N LYS A 129 6.65 8.20 6.53
CA LYS A 129 5.22 8.36 6.67
C LYS A 129 4.58 8.88 5.37
N PRO A 130 3.64 8.19 4.81
CA PRO A 130 3.00 8.67 3.58
C PRO A 130 2.35 10.05 3.79
N ASP A 131 2.47 10.87 2.75
CA ASP A 131 1.75 12.15 2.81
C ASP A 131 0.28 12.02 2.48
N LEU A 132 -0.11 10.94 1.84
CA LEU A 132 -1.44 10.62 1.38
C LEU A 132 -1.61 9.10 1.30
N VAL A 133 -2.66 8.60 1.91
CA VAL A 133 -2.98 7.18 1.81
C VAL A 133 -4.37 7.02 1.18
N LEU A 134 -4.37 6.53 -0.05
CA LEU A 134 -5.65 6.34 -0.74
C LEU A 134 -6.20 4.96 -0.47
N PHE A 135 -7.45 4.88 -0.05
CA PHE A 135 -8.01 3.52 0.21
C PHE A 135 -9.09 3.25 -0.81
N LEU A 136 -8.80 2.29 -1.68
CA LEU A 136 -9.73 1.98 -2.78
C LEU A 136 -10.83 1.05 -2.29
N GLN A 137 -11.98 1.71 -1.98
CA GLN A 137 -13.12 0.98 -1.40
C GLN A 137 -13.98 0.34 -2.47
N LEU A 138 -14.35 -0.90 -2.24
CA LEU A 138 -15.17 -1.67 -3.18
C LEU A 138 -15.79 -2.81 -2.36
N GLN A 139 -17.02 -3.18 -2.68
CA GLN A 139 -17.58 -4.33 -1.92
C GLN A 139 -16.75 -5.58 -2.23
N LEU A 140 -16.54 -6.45 -1.22
CA LEU A 140 -15.78 -7.66 -1.49
C LEU A 140 -16.42 -8.47 -2.61
N ALA A 141 -17.75 -8.46 -2.68
CA ALA A 141 -18.40 -9.25 -3.72
C ALA A 141 -17.96 -8.77 -5.10
N ASP A 142 -18.09 -7.46 -5.34
CA ASP A 142 -17.72 -6.90 -6.64
C ASP A 142 -16.25 -7.12 -6.92
N ALA A 143 -15.44 -7.07 -5.85
CA ALA A 143 -14.01 -7.31 -6.01
C ALA A 143 -13.77 -8.74 -6.49
N ALA A 144 -14.63 -9.64 -6.02
CA ALA A 144 -14.51 -11.05 -6.38
C ALA A 144 -14.97 -11.26 -7.82
N LYS A 145 -15.96 -10.47 -8.23
CA LYS A 145 -16.50 -10.53 -9.58
C LYS A 145 -15.55 -9.86 -10.58
N ARG A 146 -14.39 -9.42 -10.10
CA ARG A 146 -13.39 -8.89 -11.02
C ARG A 146 -12.64 -10.16 -11.44
N GLY A 147 -13.46 -10.95 -12.16
CA GLY A 147 -12.99 -12.25 -12.61
C GLY A 147 -13.15 -13.19 -11.40
N ALA A 148 -12.19 -14.10 -11.24
CA ALA A 148 -12.26 -15.02 -10.13
C ALA A 148 -10.96 -15.07 -9.34
N PHE A 149 -11.09 -15.68 -8.15
CA PHE A 149 -9.95 -15.84 -7.28
C PHE A 149 -8.84 -16.57 -8.03
N GLY A 150 -7.63 -16.21 -7.62
CA GLY A 150 -6.43 -16.84 -8.16
C GLY A 150 -6.02 -17.93 -7.17
N HIS A 151 -4.88 -18.55 -7.46
CA HIS A 151 -4.36 -19.60 -6.61
C HIS A 151 -3.33 -19.11 -5.61
N GLU A 152 -3.23 -17.81 -5.37
CA GLU A 152 -2.25 -17.31 -4.41
C GLU A 152 -2.83 -17.30 -2.99
N ARG A 153 -1.93 -17.35 -2.01
CA ARG A 153 -2.29 -17.30 -0.60
C ARG A 153 -3.23 -16.14 -0.29
N TYR A 154 -4.16 -16.30 0.63
CA TYR A 154 -5.08 -15.28 1.09
C TYR A 154 -6.23 -15.02 0.11
N GLU A 155 -6.19 -15.67 -1.05
CA GLU A 155 -7.20 -15.49 -2.08
C GLU A 155 -8.54 -16.14 -1.76
N ASN A 156 -9.17 -15.83 -0.64
CA ASN A 156 -10.48 -16.37 -0.30
C ASN A 156 -11.31 -15.33 0.45
N GLY A 157 -12.63 -15.43 0.36
CA GLY A 157 -13.51 -14.47 1.01
C GLY A 157 -13.45 -14.26 2.49
N ALA A 158 -13.29 -15.33 3.32
CA ALA A 158 -13.31 -15.11 4.74
C ALA A 158 -12.04 -14.34 5.18
N PHE A 159 -10.96 -14.71 4.50
CA PHE A 159 -9.71 -14.01 4.91
C PHE A 159 -9.76 -12.56 4.45
N GLN A 160 -10.26 -12.34 3.22
CA GLN A 160 -10.34 -10.95 2.75
C GLN A 160 -11.19 -10.11 3.68
N GLU A 161 -12.32 -10.66 4.17
CA GLU A 161 -13.18 -9.90 5.08
C GLU A 161 -12.47 -9.58 6.37
N ARG A 162 -11.63 -10.47 6.95
CA ARG A 162 -10.95 -10.09 8.18
C ARG A 162 -9.88 -9.00 7.94
N ALA A 163 -9.23 -9.11 6.79
CA ALA A 163 -8.22 -8.11 6.43
C ALA A 163 -8.90 -6.74 6.31
N LEU A 164 -10.06 -6.73 5.64
CA LEU A 164 -10.79 -5.47 5.49
C LEU A 164 -11.12 -4.85 6.84
N ARG A 165 -11.54 -5.66 7.82
CA ARG A 165 -11.85 -5.15 9.14
C ARG A 165 -10.64 -4.48 9.77
N CYS A 166 -9.45 -5.10 9.56
CA CYS A 166 -8.23 -4.53 10.09
C CYS A 166 -7.94 -3.19 9.41
N PHE A 167 -8.16 -3.13 8.09
CA PHE A 167 -7.95 -1.83 7.43
C PHE A 167 -8.79 -0.73 8.09
N HIS A 168 -10.03 -1.02 8.41
CA HIS A 168 -10.91 -0.02 9.03
C HIS A 168 -10.39 0.39 10.40
N GLN A 169 -9.79 -0.55 11.15
CA GLN A 169 -9.17 -0.13 12.42
C GLN A 169 -8.02 0.86 12.18
N LEU A 170 -7.21 0.61 11.15
CA LEU A 170 -6.08 1.47 10.86
C LEU A 170 -6.51 2.86 10.43
N MET A 171 -7.70 2.93 9.86
CA MET A 171 -8.18 4.22 9.35
C MET A 171 -8.66 5.13 10.46
N LYS A 172 -8.71 4.63 11.69
CA LYS A 172 -9.09 5.48 12.82
C LYS A 172 -7.93 6.39 13.16
N ASP A 173 -6.74 5.98 12.73
CA ASP A 173 -5.52 6.71 13.01
C ASP A 173 -5.51 8.08 12.32
N THR A 174 -5.83 9.12 13.08
CA THR A 174 -5.91 10.47 12.52
C THR A 174 -4.54 11.06 12.26
N THR A 175 -3.46 10.39 12.65
CA THR A 175 -2.16 10.98 12.33
C THR A 175 -1.91 10.84 10.81
N LEU A 176 -2.76 10.11 10.10
CA LEU A 176 -2.48 9.88 8.68
C LEU A 176 -3.56 10.47 7.79
N ASN A 177 -3.11 10.93 6.63
CA ASN A 177 -3.98 11.57 5.63
C ASN A 177 -4.63 10.53 4.74
N TRP A 178 -5.65 9.87 5.30
CA TRP A 178 -6.43 8.89 4.60
C TRP A 178 -7.48 9.55 3.70
N LYS A 179 -7.61 9.05 2.47
CA LYS A 179 -8.67 9.49 1.57
C LYS A 179 -9.33 8.24 0.98
N MET A 180 -10.65 8.19 1.15
CA MET A 180 -11.42 7.07 0.61
C MET A 180 -11.70 7.32 -0.89
N VAL A 181 -11.58 6.31 -1.69
CA VAL A 181 -11.82 6.38 -3.12
C VAL A 181 -12.89 5.36 -3.48
N ASP A 182 -13.88 5.77 -4.27
CA ASP A 182 -14.92 4.81 -4.67
C ASP A 182 -14.40 4.03 -5.87
N ALA A 183 -13.80 2.88 -5.57
CA ALA A 183 -13.16 2.06 -6.59
C ALA A 183 -14.10 1.19 -7.39
N SER A 184 -15.41 1.37 -7.18
CA SER A 184 -16.40 0.62 -7.96
C SER A 184 -16.66 1.28 -9.30
N LYS A 185 -16.20 2.51 -9.49
CA LYS A 185 -16.43 3.19 -10.78
C LYS A 185 -15.51 2.68 -11.89
N SER A 186 -15.57 3.28 -13.07
CA SER A 186 -14.76 2.80 -14.18
C SER A 186 -13.26 3.03 -13.91
N ILE A 187 -12.39 2.38 -14.67
CA ILE A 187 -10.96 2.65 -14.46
C ILE A 187 -10.64 4.12 -14.65
N GLU A 188 -11.16 4.75 -15.72
CA GLU A 188 -10.89 6.17 -15.91
C GLU A 188 -11.54 7.05 -14.85
N ALA A 189 -12.74 6.72 -14.35
CA ALA A 189 -13.31 7.62 -13.33
C ALA A 189 -12.56 7.58 -12.01
N VAL A 190 -12.20 6.32 -11.65
CA VAL A 190 -11.41 6.17 -10.40
C VAL A 190 -10.10 6.92 -10.56
N HIS A 191 -9.47 6.75 -11.72
CA HIS A 191 -8.18 7.44 -11.94
C HIS A 191 -8.30 8.93 -11.77
N GLU A 192 -9.33 9.55 -12.34
CA GLU A 192 -9.42 11.01 -12.23
C GLU A 192 -9.56 11.40 -10.77
N ASP A 193 -10.34 10.66 -9.99
CA ASP A 193 -10.47 10.97 -8.56
C ASP A 193 -9.12 10.93 -7.83
N ILE A 194 -8.38 9.85 -8.15
CA ILE A 194 -7.06 9.68 -7.52
C ILE A 194 -6.10 10.74 -7.98
N ARG A 195 -6.14 11.11 -9.25
CA ARG A 195 -5.18 12.07 -9.81
C ARG A 195 -5.34 13.44 -9.16
N VAL A 196 -6.63 13.83 -9.02
CA VAL A 196 -6.86 15.17 -8.40
C VAL A 196 -6.42 15.19 -6.95
N LEU A 197 -6.68 14.11 -6.20
CA LEU A 197 -6.23 14.07 -4.80
C LEU A 197 -4.70 14.09 -4.72
N SER A 198 -4.07 13.37 -5.65
CA SER A 198 -2.60 13.33 -5.64
C SER A 198 -1.97 14.68 -5.99
N GLU A 199 -2.51 15.39 -6.99
CA GLU A 199 -2.01 16.71 -7.34
C GLU A 199 -2.06 17.63 -6.11
N ASP A 200 -3.16 17.52 -5.37
CA ASP A 200 -3.30 18.39 -4.17
C ASP A 200 -2.27 18.04 -3.11
N ALA A 201 -2.02 16.75 -2.90
CA ALA A 201 -0.99 16.33 -1.94
C ALA A 201 0.41 16.75 -2.36
N ILE A 202 0.73 16.65 -3.65
CA ILE A 202 2.05 17.02 -4.13
C ILE A 202 2.30 18.52 -3.91
N ALA A 203 1.26 19.28 -4.15
CA ALA A 203 1.31 20.74 -4.02
C ALA A 203 1.24 21.25 -2.57
N THR A 204 0.56 20.55 -1.69
CA THR A 204 0.37 21.16 -0.36
C THR A 204 0.85 20.34 0.81
N ALA A 205 0.81 19.03 0.67
CA ALA A 205 1.24 18.11 1.73
C ALA A 205 2.74 18.09 1.89
N THR A 206 3.50 18.55 0.88
CA THR A 206 4.96 18.51 0.97
C THR A 206 5.63 19.68 1.66
N GLU A 207 4.93 20.72 2.08
CA GLU A 207 5.51 21.87 2.76
C GLU A 207 6.20 21.48 4.06
N LYS A 208 5.76 20.38 4.65
CA LYS A 208 6.33 19.91 5.93
C LYS A 208 7.28 18.77 5.66
N PRO A 209 8.26 18.53 6.51
CA PRO A 209 9.23 17.46 6.32
C PRO A 209 8.52 16.09 6.30
N LEU A 210 9.21 15.15 5.69
CA LEU A 210 8.75 13.76 5.68
C LEU A 210 8.59 13.30 7.14
N GLY A 211 7.47 12.70 7.46
CA GLY A 211 7.20 12.23 8.81
C GLY A 211 7.67 10.76 8.98
N GLU A 212 7.39 10.29 10.20
CA GLU A 212 7.74 8.90 10.56
C GLU A 212 6.44 8.20 10.89
N LEU A 213 6.25 7.00 10.33
CA LEU A 213 5.01 6.27 10.54
C LEU A 213 4.81 5.77 11.98
N TRP A 214 3.62 6.02 12.53
CA TRP A 214 3.24 5.41 13.81
C TRP A 214 4.17 5.78 14.96
N LYS A 215 4.79 6.95 14.83
CA LYS A 215 5.56 7.50 15.95
C LYS A 215 5.53 9.03 15.87
#